data_6TEB
#
_entry.id   6TEB
#
loop_
_entity.id
_entity.type
_entity.pdbx_description
1 polymer 'Tail tube protein Rcc01691'
2 polymer 'Distal tail protein Rcc01695'
#
loop_
_entity_poly.entity_id
_entity_poly.type
_entity_poly.pdbx_seq_one_letter_code
_entity_poly.pdbx_strand_id
1 'polypeptide(L)'
;MAAQNGKDLLIKLDLTGSGQFETIAGLRATRISFNAETVDVTSLESQGGWRELLGGAGVRSASISGAGVFKDADTDERAR
QIFFDGEVPEFQVIIPDFGIVQGPFMITSIDYAGSHNGEASYELAMASAGALSFTAI
;
A,B
2 'polypeptide(L)'
;MAFHEVRFPANLSFGSVGGPERRTEIVTLSSGHEERNSPWAHSRRHYDAGVGLRSLDDVERLIAFFEARGGQLHGFRWKD
WADFKSCPASRAVAHEDQLIGMGDGVTTAFQLVKTYVSGGQSYLRPIVKPVEGTVKLGIAGDHQAEAVNFAVDHATGIVS
FNEPPPQGARVTAGFEFDVPVRFDTDRIAVSVQSFQAGDLPQVPVVEVRI
;
D,C
#
# COMPACT_ATOMS: atom_id res chain seq x y z
N ALA A 3 -6.30 -17.52 -35.08
CA ALA A 3 -4.90 -17.34 -34.74
C ALA A 3 -4.48 -15.91 -35.01
N GLN A 4 -3.56 -15.38 -34.21
CA GLN A 4 -3.04 -14.05 -34.42
C GLN A 4 -1.52 -14.04 -34.40
N ASN A 5 -0.96 -13.31 -35.35
CA ASN A 5 0.47 -13.17 -35.49
C ASN A 5 1.06 -12.40 -34.31
N GLY A 6 2.17 -12.91 -33.77
CA GLY A 6 2.91 -12.21 -32.75
C GLY A 6 3.60 -10.97 -33.24
N LYS A 7 3.78 -10.86 -34.56
CA LYS A 7 4.29 -9.63 -35.15
C LYS A 7 3.30 -8.48 -35.05
N ASP A 8 2.03 -8.75 -34.72
CA ASP A 8 1.03 -7.71 -34.76
C ASP A 8 0.97 -6.89 -33.48
N LEU A 9 1.24 -7.49 -32.33
CA LEU A 9 1.08 -6.78 -31.07
C LEU A 9 2.31 -5.92 -30.84
N LEU A 10 2.11 -4.62 -30.69
CA LEU A 10 3.20 -3.66 -30.78
C LEU A 10 3.10 -2.63 -29.67
N ILE A 11 4.19 -2.42 -28.97
CA ILE A 11 4.28 -1.32 -28.02
C ILE A 11 4.80 -0.11 -28.77
N LYS A 12 4.44 1.08 -28.30
CA LYS A 12 4.81 2.28 -29.05
C LYS A 12 4.82 3.49 -28.12
N LEU A 13 5.81 4.35 -28.33
CA LEU A 13 6.06 5.53 -27.54
C LEU A 13 5.42 6.77 -28.16
N ASP A 14 5.31 7.82 -27.36
CA ASP A 14 4.92 9.12 -27.87
C ASP A 14 6.15 9.98 -28.12
N LEU A 15 5.94 11.06 -28.86
CA LEU A 15 7.03 11.99 -29.15
C LEU A 15 6.58 13.44 -28.97
N GLN A 20 0.88 11.17 -31.25
CA GLN A 20 1.83 10.66 -32.22
C GLN A 20 2.60 9.47 -31.68
N PHE A 21 2.44 8.31 -32.30
CA PHE A 21 2.93 7.07 -31.71
C PHE A 21 3.68 6.22 -32.73
N GLU A 22 4.86 5.75 -32.32
CA GLU A 22 5.72 4.92 -33.16
C GLU A 22 6.32 3.80 -32.32
N THR A 23 6.42 2.62 -32.89
CA THR A 23 6.96 1.46 -32.19
C THR A 23 8.48 1.56 -32.10
N ILE A 24 9.05 0.88 -31.11
CA ILE A 24 10.49 0.89 -30.95
C ILE A 24 11.11 -0.10 -31.92
N ALA A 25 12.44 -0.03 -32.08
CA ALA A 25 13.09 -0.76 -33.15
C ALA A 25 13.24 -2.25 -32.82
N GLY A 26 14.07 -2.57 -31.84
CA GLY A 26 14.22 -3.97 -31.50
C GLY A 26 13.11 -4.39 -30.59
N LEU A 27 12.21 -5.24 -31.05
CA LEU A 27 11.01 -5.53 -30.27
C LEU A 27 10.81 -7.04 -30.29
N ARG A 28 11.93 -7.74 -30.03
CA ARG A 28 12.03 -9.20 -30.15
C ARG A 28 10.95 -9.95 -29.39
N ALA A 29 10.70 -9.54 -28.15
CA ALA A 29 9.67 -10.18 -27.35
C ALA A 29 9.11 -9.14 -26.42
N THR A 30 7.79 -9.00 -26.43
CA THR A 30 7.11 -8.06 -25.58
C THR A 30 5.94 -8.72 -24.89
N ARG A 31 5.60 -8.21 -23.72
CA ARG A 31 4.65 -8.89 -22.85
C ARG A 31 4.02 -7.87 -21.91
N ILE A 32 2.79 -7.46 -22.22
CA ILE A 32 1.98 -6.73 -21.26
C ILE A 32 1.47 -7.71 -20.23
N SER A 33 1.53 -7.32 -18.95
CA SER A 33 1.12 -8.22 -17.88
C SER A 33 0.30 -7.46 -16.85
N PHE A 34 -0.94 -7.86 -16.67
CA PHE A 34 -1.85 -7.24 -15.73
C PHE A 34 -1.86 -8.00 -14.42
N ASN A 35 -2.29 -7.33 -13.36
CA ASN A 35 -2.25 -7.92 -12.03
C ASN A 35 -3.40 -7.38 -11.19
N ALA A 36 -3.76 -8.14 -10.16
CA ALA A 36 -4.61 -7.66 -9.08
C ALA A 36 -4.23 -8.45 -7.84
N GLU A 37 -4.24 -7.79 -6.68
CA GLU A 37 -3.61 -8.36 -5.51
C GLU A 37 -4.53 -9.26 -4.69
N THR A 38 -5.80 -9.41 -5.10
CA THR A 38 -6.76 -10.38 -4.58
C THR A 38 -7.06 -10.12 -3.11
N VAL A 39 -7.81 -9.06 -2.85
CA VAL A 39 -8.18 -8.66 -1.50
C VAL A 39 -9.03 -9.70 -0.80
N ASP A 40 -8.38 -10.48 0.05
CA ASP A 40 -9.00 -11.63 0.71
C ASP A 40 -10.01 -11.14 1.72
N VAL A 41 -11.27 -11.52 1.56
CA VAL A 41 -12.27 -11.20 2.57
C VAL A 41 -12.84 -12.53 3.01
N THR A 42 -12.15 -13.15 3.96
CA THR A 42 -12.55 -14.45 4.46
C THR A 42 -13.22 -14.35 5.82
N SER A 43 -14.54 -14.24 5.80
CA SER A 43 -15.29 -14.22 7.05
C SER A 43 -15.33 -15.62 7.62
N LEU A 44 -15.69 -15.73 8.89
CA LEU A 44 -15.80 -17.04 9.52
C LEU A 44 -16.85 -17.90 8.85
N GLU A 45 -17.97 -17.30 8.44
CA GLU A 45 -18.95 -18.10 7.73
C GLU A 45 -18.57 -18.16 6.27
N SER A 46 -18.73 -19.36 5.69
CA SER A 46 -18.48 -19.68 4.29
C SER A 46 -18.88 -21.12 4.07
N GLN A 47 -19.71 -21.34 3.05
CA GLN A 47 -20.59 -22.51 2.92
C GLN A 47 -19.85 -23.84 2.98
N GLY A 48 -18.56 -23.86 2.69
CA GLY A 48 -17.77 -25.07 2.88
C GLY A 48 -16.43 -24.75 3.52
N GLY A 49 -16.32 -23.58 4.14
CA GLY A 49 -15.02 -23.11 4.56
C GLY A 49 -14.18 -22.58 3.43
N TRP A 50 -14.81 -22.21 2.32
CA TRP A 50 -14.10 -21.69 1.16
C TRP A 50 -13.63 -20.27 1.40
N ARG A 51 -12.54 -19.91 0.74
CA ARG A 51 -12.07 -18.54 0.80
C ARG A 51 -12.99 -17.64 -0.03
N GLU A 52 -13.46 -16.56 0.56
CA GLU A 52 -14.25 -15.58 -0.13
C GLU A 52 -13.37 -14.39 -0.48
N LEU A 53 -13.63 -13.78 -1.63
CA LEU A 53 -12.85 -12.65 -2.13
C LEU A 53 -13.78 -11.50 -2.45
N LEU A 54 -13.26 -10.27 -2.42
CA LEU A 54 -14.14 -9.14 -2.67
C LEU A 54 -14.21 -8.79 -4.14
N GLY A 55 -13.09 -8.84 -4.85
CA GLY A 55 -13.10 -8.46 -6.25
C GLY A 55 -12.68 -7.04 -6.51
N GLY A 56 -13.65 -6.12 -6.64
CA GLY A 56 -13.39 -4.79 -7.14
C GLY A 56 -12.57 -3.91 -6.22
N ALA A 57 -12.36 -4.32 -4.98
CA ALA A 57 -11.55 -3.54 -4.06
C ALA A 57 -10.08 -3.61 -4.38
N GLY A 58 -9.65 -4.62 -5.13
CA GLY A 58 -8.24 -4.81 -5.38
C GLY A 58 -7.70 -3.78 -6.35
N VAL A 59 -6.47 -3.33 -6.08
CA VAL A 59 -5.79 -2.45 -7.02
C VAL A 59 -5.42 -3.27 -8.25
N ARG A 60 -5.32 -2.62 -9.39
CA ARG A 60 -5.03 -3.35 -10.60
C ARG A 60 -3.92 -2.62 -11.35
N SER A 61 -3.08 -3.41 -12.01
CA SER A 61 -1.83 -2.92 -12.54
C SER A 61 -1.59 -3.45 -13.94
N ALA A 62 -0.48 -3.01 -14.52
CA ALA A 62 -0.04 -3.44 -15.83
C ALA A 62 1.46 -3.29 -15.88
N SER A 63 2.13 -4.21 -16.57
CA SER A 63 3.58 -4.16 -16.67
C SER A 63 3.99 -4.63 -18.04
N ILE A 64 4.89 -3.90 -18.67
CA ILE A 64 5.36 -4.19 -20.02
C ILE A 64 6.83 -4.53 -19.96
N SER A 65 7.19 -5.67 -20.53
CA SER A 65 8.58 -6.11 -20.58
C SER A 65 8.91 -6.33 -22.05
N GLY A 66 9.65 -5.41 -22.64
CA GLY A 66 10.03 -5.47 -24.03
C GLY A 66 11.50 -5.82 -24.18
N ALA A 67 11.77 -6.86 -24.96
CA ALA A 67 13.12 -7.26 -25.31
C ALA A 67 13.40 -6.86 -26.75
N GLY A 68 14.67 -6.69 -27.07
CA GLY A 68 15.01 -6.38 -28.43
C GLY A 68 16.48 -6.11 -28.60
N VAL A 69 16.85 -5.95 -29.86
CA VAL A 69 18.22 -5.66 -30.26
C VAL A 69 18.34 -4.16 -30.52
N PHE A 70 19.43 -3.57 -30.04
CA PHE A 70 19.62 -2.13 -30.12
C PHE A 70 19.85 -1.72 -31.57
N LYS A 71 18.80 -1.23 -32.20
CA LYS A 71 18.90 -0.47 -33.45
C LYS A 71 18.58 0.98 -33.11
N ASP A 72 19.47 1.89 -33.52
CA ASP A 72 19.27 3.28 -33.16
C ASP A 72 18.08 3.86 -33.90
N ALA A 73 17.10 4.34 -33.15
CA ALA A 73 15.98 5.06 -33.71
C ALA A 73 15.65 6.21 -32.77
N ASP A 74 14.89 7.17 -33.29
CA ASP A 74 14.45 8.30 -32.48
C ASP A 74 13.54 7.85 -31.35
N THR A 75 12.72 6.82 -31.60
CA THR A 75 11.93 6.21 -30.55
C THR A 75 12.79 5.45 -29.55
N ASP A 76 13.99 5.04 -29.94
CA ASP A 76 14.87 4.37 -28.99
C ASP A 76 15.62 5.42 -28.17
N GLU A 77 15.98 6.53 -28.81
CA GLU A 77 16.56 7.66 -28.09
C GLU A 77 15.53 8.29 -27.16
N ARG A 78 14.25 8.23 -27.52
CA ARG A 78 13.20 8.80 -26.70
C ARG A 78 13.12 8.13 -25.34
N ALA A 79 13.28 6.80 -25.31
CA ALA A 79 13.20 6.05 -24.06
C ALA A 79 14.33 6.40 -23.12
N ARG A 80 15.51 6.68 -23.66
CA ARG A 80 16.61 7.17 -22.83
C ARG A 80 16.28 8.53 -22.26
N GLN A 81 15.69 9.41 -23.07
CA GLN A 81 15.28 10.72 -22.61
C GLN A 81 14.14 10.62 -21.60
N ILE A 82 13.26 9.64 -21.78
CA ILE A 82 12.21 9.39 -20.79
C ILE A 82 12.82 8.86 -19.50
N PHE A 83 13.94 8.15 -19.58
CA PHE A 83 14.50 7.63 -18.35
C PHE A 83 15.27 8.70 -17.60
N PHE A 84 16.11 9.48 -18.29
CA PHE A 84 16.93 10.45 -17.58
C PHE A 84 16.07 11.62 -17.10
N ASP A 85 15.30 12.22 -18.00
CA ASP A 85 14.24 13.14 -17.60
C ASP A 85 13.06 12.27 -17.26
N GLY A 86 12.99 11.84 -16.00
CA GLY A 86 12.00 10.87 -15.55
C GLY A 86 10.55 11.33 -15.66
N GLU A 87 9.85 10.76 -16.63
CA GLU A 87 8.49 11.13 -16.94
C GLU A 87 7.59 9.91 -16.82
N VAL A 88 6.29 10.15 -16.93
CA VAL A 88 5.32 9.06 -17.07
C VAL A 88 4.41 9.29 -18.27
N PRO A 89 4.93 9.24 -19.48
CA PRO A 89 4.12 9.65 -20.64
C PRO A 89 3.19 8.52 -21.05
N GLU A 90 2.43 8.76 -22.11
CA GLU A 90 1.49 7.78 -22.60
C GLU A 90 2.21 6.73 -23.42
N PHE A 91 1.92 5.47 -23.12
CA PHE A 91 2.39 4.34 -23.90
C PHE A 91 1.18 3.60 -24.42
N GLN A 92 1.37 2.86 -25.50
CA GLN A 92 0.27 2.29 -26.23
C GLN A 92 0.71 0.92 -26.69
N VAL A 93 -0.12 -0.10 -26.43
CA VAL A 93 0.22 -1.46 -26.82
C VAL A 93 -0.96 -2.04 -27.59
N ILE A 94 -0.73 -2.40 -28.83
CA ILE A 94 -1.78 -3.04 -29.61
C ILE A 94 -1.89 -4.49 -29.17
N ILE A 95 -3.10 -4.97 -29.02
CA ILE A 95 -3.44 -6.39 -29.13
C ILE A 95 -4.03 -6.57 -30.53
N PRO A 96 -3.52 -7.55 -31.36
CA PRO A 96 -3.94 -7.77 -32.76
C PRO A 96 -5.38 -7.47 -33.15
N ASP A 97 -6.33 -8.11 -32.48
CA ASP A 97 -7.72 -7.97 -32.89
C ASP A 97 -8.56 -7.39 -31.77
N PHE A 98 -7.99 -7.25 -30.56
CA PHE A 98 -8.62 -6.41 -29.56
C PHE A 98 -8.47 -4.95 -29.91
N GLY A 99 -7.23 -4.47 -29.95
CA GLY A 99 -6.97 -3.07 -30.16
C GLY A 99 -5.92 -2.59 -29.19
N ILE A 100 -5.78 -1.28 -29.10
CA ILE A 100 -4.70 -0.66 -28.35
C ILE A 100 -5.08 -0.59 -26.88
N VAL A 101 -4.13 -0.23 -26.05
CA VAL A 101 -4.35 -0.04 -24.62
C VAL A 101 -4.27 1.43 -24.23
N GLN A 102 -3.22 2.13 -24.66
CA GLN A 102 -3.05 3.58 -24.52
C GLN A 102 -3.06 4.00 -23.03
N GLY A 103 -2.00 3.60 -22.34
CA GLY A 103 -1.88 3.91 -20.94
C GLY A 103 -0.67 4.76 -20.58
N PRO A 104 -0.74 5.44 -19.44
CA PRO A 104 0.46 6.10 -18.89
C PRO A 104 1.28 5.09 -18.11
N PHE A 105 2.53 4.94 -18.49
CA PHE A 105 3.47 4.01 -17.87
C PHE A 105 4.73 4.78 -17.51
N MET A 106 5.58 4.16 -16.70
CA MET A 106 6.93 4.66 -16.56
C MET A 106 7.92 3.64 -17.09
N ILE A 107 9.19 3.95 -16.96
CA ILE A 107 10.26 3.38 -17.76
C ILE A 107 11.18 2.61 -16.81
N THR A 108 10.55 1.93 -15.84
CA THR A 108 11.06 1.40 -14.58
C THR A 108 12.50 0.94 -14.56
N SER A 109 12.88 0.15 -15.55
CA SER A 109 14.24 -0.37 -15.63
C SER A 109 14.52 -0.75 -17.07
N ILE A 110 15.52 -0.12 -17.67
CA ILE A 110 16.04 -0.55 -18.96
C ILE A 110 17.46 -0.99 -18.75
N ASP A 111 17.98 -1.72 -19.73
CA ASP A 111 19.33 -2.25 -19.64
C ASP A 111 19.83 -2.54 -21.05
N TYR A 112 21.05 -2.14 -21.34
CA TYR A 112 21.68 -2.45 -22.62
C TYR A 112 22.75 -3.49 -22.39
N ALA A 113 22.84 -4.46 -23.30
CA ALA A 113 23.75 -5.56 -23.13
C ALA A 113 24.42 -5.88 -24.45
N GLY A 114 25.64 -6.38 -24.36
CA GLY A 114 26.38 -6.77 -25.54
C GLY A 114 27.42 -7.79 -25.15
N SER A 115 27.74 -8.65 -26.10
CA SER A 115 28.72 -9.70 -25.87
C SER A 115 29.88 -9.54 -26.83
N HIS A 116 30.85 -10.44 -26.69
CA HIS A 116 32.02 -10.41 -27.58
C HIS A 116 31.69 -10.89 -28.97
N ASN A 117 30.56 -11.56 -29.15
CA ASN A 117 30.20 -12.11 -30.44
C ASN A 117 28.80 -11.77 -30.90
N GLY A 118 27.90 -11.41 -30.02
CA GLY A 118 26.51 -11.24 -30.34
C GLY A 118 26.12 -9.82 -30.62
N GLU A 119 24.90 -9.47 -30.21
CA GLU A 119 24.28 -8.21 -30.58
C GLU A 119 24.54 -7.17 -29.53
N ALA A 120 24.11 -5.95 -29.85
CA ALA A 120 23.74 -4.99 -28.82
C ALA A 120 22.26 -5.21 -28.55
N SER A 121 21.95 -5.81 -27.42
CA SER A 121 20.57 -6.15 -27.11
C SER A 121 20.10 -5.32 -25.92
N TYR A 122 18.79 -5.27 -25.75
CA TYR A 122 18.25 -4.53 -24.62
C TYR A 122 16.93 -5.12 -24.18
N GLU A 123 16.73 -5.12 -22.87
CA GLU A 123 15.43 -5.33 -22.28
C GLU A 123 14.87 -3.97 -21.90
N LEU A 124 13.55 -3.86 -21.87
CA LEU A 124 12.90 -2.61 -21.49
C LEU A 124 11.68 -2.98 -20.66
N ALA A 125 11.77 -2.73 -19.36
CA ALA A 125 10.71 -3.10 -18.43
C ALA A 125 9.93 -1.86 -18.02
N MET A 126 8.61 -1.93 -18.18
CA MET A 126 7.72 -0.84 -17.83
C MET A 126 6.65 -1.33 -16.87
N ALA A 127 6.00 -0.38 -16.20
CA ALA A 127 4.91 -0.70 -15.31
C ALA A 127 3.88 0.41 -15.38
N SER A 128 2.65 0.08 -14.97
CA SER A 128 1.52 0.99 -15.08
C SER A 128 1.72 2.20 -14.19
N ALA A 129 1.22 3.34 -14.66
CA ALA A 129 1.34 4.58 -13.92
C ALA A 129 0.03 5.31 -13.79
N GLY A 130 -1.03 4.81 -14.39
CA GLY A 130 -2.30 5.50 -14.32
C GLY A 130 -3.43 4.60 -14.76
N ALA A 131 -4.55 5.23 -15.11
CA ALA A 131 -5.69 4.48 -15.62
C ALA A 131 -5.47 4.15 -17.08
N LEU A 132 -5.83 2.94 -17.46
CA LEU A 132 -5.59 2.45 -18.80
C LEU A 132 -6.86 2.59 -19.63
N SER A 133 -6.80 2.11 -20.86
CA SER A 133 -7.94 2.24 -21.77
C SER A 133 -7.96 1.04 -22.70
N PHE A 134 -8.90 1.07 -23.64
CA PHE A 134 -9.12 -0.03 -24.56
C PHE A 134 -9.95 0.48 -25.72
N THR A 135 -9.42 0.39 -26.94
CA THR A 135 -10.10 1.04 -28.05
C THR A 135 -11.07 0.11 -28.78
N ALA A 136 -11.04 -1.19 -28.51
CA ALA A 136 -11.82 -2.22 -29.20
C ALA A 136 -11.71 -2.17 -30.72
N ALA B 3 20.84 -3.13 -37.39
CA ALA B 3 21.52 -4.10 -36.53
C ALA B 3 22.84 -3.53 -36.06
N GLN B 4 23.26 -3.88 -34.85
CA GLN B 4 24.54 -3.45 -34.32
C GLN B 4 25.32 -4.62 -33.76
N ASN B 5 26.60 -4.64 -34.08
CA ASN B 5 27.52 -5.67 -33.64
C ASN B 5 27.72 -5.58 -32.13
N GLY B 6 27.68 -6.74 -31.47
CA GLY B 6 28.00 -6.83 -30.06
C GLY B 6 29.46 -6.62 -29.76
N LYS B 7 30.32 -6.73 -30.77
CA LYS B 7 31.72 -6.38 -30.63
C LYS B 7 31.93 -4.88 -30.45
N ASP B 8 30.92 -4.06 -30.72
CA ASP B 8 31.12 -2.63 -30.72
C ASP B 8 30.97 -2.01 -29.33
N LEU B 9 30.09 -2.55 -28.50
CA LEU B 9 29.83 -1.93 -27.20
C LEU B 9 30.93 -2.34 -26.23
N LEU B 10 31.63 -1.35 -25.68
CA LEU B 10 32.88 -1.60 -24.99
C LEU B 10 32.94 -0.84 -23.69
N ILE B 11 33.29 -1.51 -22.62
CA ILE B 11 33.58 -0.85 -21.36
C ILE B 11 35.06 -0.52 -21.35
N LYS B 12 35.43 0.54 -20.63
CA LYS B 12 36.82 0.97 -20.65
C LYS B 12 37.16 1.76 -19.40
N LEU B 13 38.36 1.52 -18.89
CA LEU B 13 38.88 2.11 -17.67
C LEU B 13 39.71 3.34 -17.95
N ASP B 14 39.93 4.13 -16.92
CA ASP B 14 40.87 5.24 -16.98
C ASP B 14 42.22 4.81 -16.42
N LEU B 15 43.24 5.62 -16.70
CA LEU B 15 44.58 5.35 -16.20
C LEU B 15 45.23 6.61 -15.66
N GLN B 20 41.93 9.52 -20.50
CA GLN B 20 42.59 8.42 -21.19
C GLN B 20 41.90 7.11 -20.91
N PHE B 21 41.36 6.46 -21.95
CA PHE B 21 40.48 5.33 -21.75
C PHE B 21 40.82 4.17 -22.67
N GLU B 22 40.90 2.97 -22.09
CA GLU B 22 41.23 1.75 -22.80
C GLU B 22 40.35 0.62 -22.31
N THR B 23 39.90 -0.23 -23.22
CA THR B 23 39.03 -1.35 -22.88
C THR B 23 39.84 -2.46 -22.23
N ILE B 24 39.16 -3.28 -21.44
CA ILE B 24 39.84 -4.40 -20.78
C ILE B 24 40.00 -5.55 -21.76
N ALA B 25 40.81 -6.53 -21.39
CA ALA B 25 41.23 -7.55 -22.37
C ALA B 25 40.13 -8.58 -22.60
N GLY B 26 39.83 -9.39 -21.59
CA GLY B 26 38.78 -10.37 -21.78
C GLY B 26 37.44 -9.73 -21.56
N LEU B 27 36.64 -9.60 -22.61
CA LEU B 27 35.42 -8.82 -22.48
C LEU B 27 34.30 -9.61 -23.15
N ARG B 28 34.28 -10.91 -22.80
CA ARG B 28 33.41 -11.90 -23.44
C ARG B 28 31.94 -11.51 -23.45
N ALA B 29 31.44 -11.01 -22.34
CA ALA B 29 30.06 -10.58 -22.28
C ALA B 29 29.98 -9.45 -21.28
N THR B 30 29.39 -8.34 -21.71
CA THR B 30 29.23 -7.19 -20.87
C THR B 30 27.81 -6.66 -20.96
N ARG B 31 27.36 -6.03 -19.88
CA ARG B 31 25.95 -5.69 -19.75
C ARG B 31 25.82 -4.51 -18.78
N ILE B 32 25.62 -3.32 -19.32
CA ILE B 32 25.19 -2.19 -18.52
C ILE B 32 23.73 -2.37 -18.20
N SER B 33 23.35 -2.12 -16.95
CA SER B 33 21.96 -2.32 -16.53
C SER B 33 21.53 -1.17 -15.65
N PHE B 34 20.51 -0.45 -16.10
CA PHE B 34 19.96 0.69 -15.39
C PHE B 34 18.76 0.26 -14.56
N ASN B 35 18.43 1.07 -13.56
CA ASN B 35 17.35 0.72 -12.64
C ASN B 35 16.69 1.99 -12.12
N ALA B 36 15.45 1.83 -11.67
CA ALA B 36 14.76 2.83 -10.87
C ALA B 36 13.77 2.09 -9.99
N GLU B 37 13.59 2.56 -8.75
CA GLU B 37 12.93 1.76 -7.74
C GLU B 37 11.41 1.95 -7.73
N THR B 38 10.88 2.82 -8.59
CA THR B 38 9.44 2.98 -8.87
C THR B 38 8.70 3.43 -7.61
N VAL B 39 8.88 4.70 -7.26
CA VAL B 39 8.25 5.29 -6.08
C VAL B 39 6.73 5.33 -6.20
N ASP B 40 6.10 4.36 -5.54
CA ASP B 40 4.67 4.15 -5.65
C ASP B 40 3.95 5.28 -4.95
N VAL B 41 3.12 6.01 -5.68
CA VAL B 41 2.29 7.03 -5.08
C VAL B 41 0.85 6.64 -5.41
N THR B 42 0.29 5.77 -4.59
CA THR B 42 -1.05 5.27 -4.81
C THR B 42 -2.05 5.93 -3.85
N SER B 43 -2.65 7.02 -4.31
CA SER B 43 -3.68 7.66 -3.51
C SER B 43 -4.94 6.83 -3.58
N LEU B 44 -5.87 7.09 -2.65
CA LEU B 44 -7.14 6.37 -2.67
C LEU B 44 -7.91 6.63 -3.95
N GLU B 45 -7.87 7.85 -4.46
CA GLU B 45 -8.56 8.08 -5.72
C GLU B 45 -7.64 7.68 -6.86
N SER B 46 -8.21 7.03 -7.87
CA SER B 46 -7.57 6.58 -9.09
C SER B 46 -8.64 5.97 -9.98
N GLN B 47 -8.68 6.44 -11.23
CA GLN B 47 -9.86 6.38 -12.10
C GLN B 47 -10.41 4.97 -12.31
N GLY B 48 -9.60 3.94 -12.09
CA GLY B 48 -10.10 2.58 -12.11
C GLY B 48 -9.52 1.77 -10.97
N GLY B 49 -9.00 2.44 -9.95
CA GLY B 49 -8.23 1.75 -8.94
C GLY B 49 -6.84 1.39 -9.40
N TRP B 50 -6.34 2.05 -10.43
CA TRP B 50 -5.02 1.78 -10.96
C TRP B 50 -3.93 2.33 -10.05
N ARG B 51 -2.77 1.68 -10.08
CA ARG B 51 -1.64 2.19 -9.32
C ARG B 51 -1.08 3.42 -10.02
N GLU B 52 -0.90 4.49 -9.26
CA GLU B 52 -0.28 5.70 -9.77
C GLU B 52 1.16 5.75 -9.28
N LEU B 53 2.03 6.28 -10.13
CA LEU B 53 3.46 6.37 -9.82
C LEU B 53 3.92 7.82 -9.99
N LEU B 54 5.01 8.18 -9.31
CA LEU B 54 5.44 9.56 -9.40
C LEU B 54 6.42 9.77 -10.54
N GLY B 55 7.34 8.85 -10.76
CA GLY B 55 8.32 9.05 -11.80
C GLY B 55 9.63 9.60 -11.33
N GLY B 56 9.80 10.92 -11.44
CA GLY B 56 11.11 11.53 -11.26
C GLY B 56 11.65 11.48 -9.85
N ALA B 57 10.82 11.13 -8.87
CA ALA B 57 11.29 11.03 -7.50
C ALA B 57 12.18 9.82 -7.27
N GLY B 58 12.11 8.82 -8.15
CA GLY B 58 12.85 7.60 -7.93
C GLY B 58 14.33 7.79 -8.16
N VAL B 59 15.14 7.13 -7.32
CA VAL B 59 16.58 7.12 -7.54
C VAL B 59 16.86 6.26 -8.76
N ARG B 60 17.95 6.55 -9.44
CA ARG B 60 18.25 5.81 -10.66
C ARG B 60 19.70 5.38 -10.62
N SER B 61 19.95 4.21 -11.18
CA SER B 61 21.22 3.52 -10.99
C SER B 61 21.71 2.94 -12.30
N ALA B 62 22.89 2.34 -12.22
CA ALA B 62 23.52 1.68 -13.35
C ALA B 62 24.42 0.60 -12.79
N SER B 63 24.51 -0.52 -13.50
CA SER B 63 25.35 -1.62 -13.05
C SER B 63 25.97 -2.29 -14.25
N ILE B 64 27.26 -2.57 -14.18
CA ILE B 64 28.01 -3.16 -15.27
C ILE B 64 28.51 -4.52 -14.83
N SER B 65 28.23 -5.54 -15.63
CA SER B 65 28.68 -6.89 -15.34
C SER B 65 29.47 -7.35 -16.56
N GLY B 66 30.80 -7.37 -16.43
CA GLY B 66 31.68 -7.76 -17.51
C GLY B 66 32.29 -9.13 -17.25
N ALA B 67 32.13 -10.02 -18.21
CA ALA B 67 32.74 -11.34 -18.18
C ALA B 67 33.91 -11.36 -19.15
N GLY B 68 34.86 -12.25 -18.90
CA GLY B 68 35.95 -12.38 -19.83
C GLY B 68 36.99 -13.36 -19.33
N VAL B 69 37.96 -13.59 -20.21
CA VAL B 69 39.07 -14.49 -19.96
C VAL B 69 40.27 -13.65 -19.55
N PHE B 70 40.99 -14.11 -18.52
CA PHE B 70 42.11 -13.35 -17.97
C PHE B 70 43.26 -13.32 -18.96
N LYS B 71 43.38 -12.22 -19.68
CA LYS B 71 44.59 -11.89 -20.41
C LYS B 71 45.23 -10.71 -19.68
N ASP B 72 46.52 -10.84 -19.36
CA ASP B 72 47.17 -9.79 -18.58
C ASP B 72 47.33 -8.54 -19.43
N ALA B 73 46.74 -7.45 -18.95
CA ALA B 73 46.95 -6.14 -19.55
C ALA B 73 47.06 -5.13 -18.43
N ASP B 74 47.58 -3.95 -18.77
CA ASP B 74 47.69 -2.87 -17.81
C ASP B 74 46.32 -2.39 -17.35
N THR B 75 45.33 -2.41 -18.25
CA THR B 75 43.96 -2.15 -17.86
C THR B 75 43.37 -3.25 -17.00
N ASP B 76 43.92 -4.46 -17.08
CA ASP B 76 43.44 -5.51 -16.20
C ASP B 76 44.10 -5.41 -14.84
N GLU B 77 45.38 -5.02 -14.82
CA GLU B 77 46.05 -4.72 -13.56
C GLU B 77 45.46 -3.49 -12.89
N ARG B 78 44.94 -2.55 -13.69
CA ARG B 78 44.35 -1.34 -13.14
C ARG B 78 43.14 -1.65 -12.28
N ALA B 79 42.31 -2.61 -12.70
CA ALA B 79 41.11 -2.96 -11.96
C ALA B 79 41.44 -3.58 -10.62
N ARG B 80 42.53 -4.33 -10.54
CA ARG B 80 42.99 -4.85 -9.27
C ARG B 80 43.44 -3.71 -8.37
N GLN B 81 44.15 -2.74 -8.93
CA GLN B 81 44.58 -1.58 -8.18
C GLN B 81 43.39 -0.71 -7.78
N ILE B 82 42.36 -0.66 -8.63
CA ILE B 82 41.14 0.03 -8.25
C ILE B 82 40.42 -0.71 -7.13
N PHE B 83 40.56 -2.03 -7.08
CA PHE B 83 39.86 -2.74 -6.03
C PHE B 83 40.60 -2.64 -4.69
N PHE B 84 41.91 -2.83 -4.69
CA PHE B 84 42.63 -2.81 -3.42
C PHE B 84 42.71 -1.40 -2.87
N ASP B 85 43.19 -0.46 -3.68
CA ASP B 85 43.04 0.95 -3.36
C ASP B 85 41.66 1.35 -3.83
N GLY B 86 40.68 1.18 -2.95
CA GLY B 86 39.27 1.35 -3.29
C GLY B 86 38.89 2.75 -3.73
N GLU B 87 38.66 2.91 -5.02
CA GLU B 87 38.35 4.18 -5.64
C GLU B 87 37.00 4.11 -6.33
N VAL B 88 36.54 5.27 -6.80
CA VAL B 88 35.38 5.33 -7.67
C VAL B 88 35.69 6.14 -8.93
N PRO B 89 36.57 5.66 -9.79
CA PRO B 89 37.03 6.48 -10.91
C PRO B 89 35.99 6.48 -12.03
N GLU B 90 36.32 7.18 -13.10
CA GLU B 90 35.42 7.26 -14.25
C GLU B 90 35.53 6.01 -15.09
N PHE B 91 34.37 5.45 -15.42
CA PHE B 91 34.25 4.35 -16.34
C PHE B 91 33.41 4.80 -17.52
N GLN B 92 33.57 4.14 -18.64
CA GLN B 92 32.99 4.61 -19.88
C GLN B 92 32.54 3.40 -20.65
N VAL B 93 31.28 3.40 -21.11
CA VAL B 93 30.76 2.27 -21.85
C VAL B 93 30.15 2.78 -23.14
N ILE B 94 30.67 2.33 -24.26
CA ILE B 94 30.10 2.71 -25.55
C ILE B 94 28.84 1.89 -25.77
N ILE B 95 27.80 2.54 -26.25
CA ILE B 95 26.73 1.89 -27.02
C ILE B 95 27.03 2.19 -28.49
N PRO B 96 27.07 1.14 -29.39
CA PRO B 96 27.43 1.27 -30.83
C PRO B 96 27.09 2.56 -31.55
N ASP B 97 25.82 2.94 -31.57
CA ASP B 97 25.40 4.06 -32.36
C ASP B 97 24.77 5.14 -31.47
N PHE B 98 24.53 4.83 -30.20
CA PHE B 98 24.24 5.89 -29.24
C PHE B 98 25.50 6.67 -28.93
N GLY B 99 26.49 6.02 -28.34
CA GLY B 99 27.67 6.69 -27.88
C GLY B 99 28.04 6.22 -26.50
N ILE B 100 28.96 6.94 -25.86
CA ILE B 100 29.53 6.52 -24.60
C ILE B 100 28.61 6.92 -23.46
N VAL B 101 28.91 6.45 -22.26
CA VAL B 101 28.17 6.79 -21.06
C VAL B 101 29.01 7.68 -20.14
N GLN B 102 30.25 7.28 -19.86
CA GLN B 102 31.25 8.07 -19.11
C GLN B 102 30.74 8.41 -17.71
N GLY B 103 30.66 7.35 -16.88
CA GLY B 103 30.19 7.51 -15.52
C GLY B 103 31.20 7.13 -14.46
N PRO B 104 31.03 7.65 -13.25
CA PRO B 104 31.80 7.16 -12.11
C PRO B 104 31.14 5.92 -11.53
N PHE B 105 31.91 4.84 -11.47
CA PHE B 105 31.43 3.56 -10.96
C PHE B 105 32.42 3.07 -9.91
N MET B 106 32.01 2.06 -9.16
CA MET B 106 32.99 1.34 -8.35
C MET B 106 33.08 -0.10 -8.86
N ILE B 107 33.89 -0.88 -8.16
CA ILE B 107 34.49 -2.11 -8.67
C ILE B 107 33.95 -3.27 -7.84
N THR B 108 32.65 -3.16 -7.50
CA THR B 108 31.89 -3.84 -6.45
C THR B 108 32.32 -5.25 -6.09
N SER B 109 32.51 -6.08 -7.11
CA SER B 109 32.90 -7.47 -6.89
C SER B 109 33.55 -7.98 -8.16
N ILE B 110 34.81 -8.39 -8.07
CA ILE B 110 35.46 -9.11 -9.15
C ILE B 110 35.79 -10.49 -8.63
N ASP B 111 36.08 -11.39 -9.55
CA ASP B 111 36.39 -12.77 -9.21
C ASP B 111 37.18 -13.39 -10.34
N TYR B 112 38.23 -14.10 -9.99
CA TYR B 112 39.02 -14.83 -10.97
C TYR B 112 38.76 -16.32 -10.79
N ALA B 113 38.63 -17.01 -11.91
CA ALA B 113 38.27 -18.42 -11.86
C ALA B 113 39.09 -19.19 -12.87
N GLY B 114 39.34 -20.45 -12.55
CA GLY B 114 40.08 -21.32 -13.43
C GLY B 114 39.74 -22.76 -13.13
N SER B 115 39.82 -23.59 -14.15
CA SER B 115 39.49 -25.00 -14.01
C SER B 115 40.72 -25.84 -14.35
N HIS B 116 40.55 -27.15 -14.24
CA HIS B 116 41.62 -28.07 -14.56
C HIS B 116 41.87 -28.18 -16.04
N ASN B 117 40.92 -27.72 -16.86
CA ASN B 117 41.04 -27.85 -18.30
C ASN B 117 40.78 -26.58 -19.06
N GLY B 118 40.09 -25.61 -18.49
CA GLY B 118 39.65 -24.43 -19.20
C GLY B 118 40.56 -23.24 -19.03
N GLU B 119 39.95 -22.07 -18.98
CA GLU B 119 40.67 -20.81 -19.03
C GLU B 119 40.96 -20.31 -17.64
N ALA B 120 41.73 -19.23 -17.59
CA ALA B 120 41.65 -18.29 -16.49
C ALA B 120 40.58 -17.27 -16.88
N SER B 121 39.42 -17.35 -16.25
CA SER B 121 38.31 -16.49 -16.61
C SER B 121 38.00 -15.56 -15.45
N TYR B 122 37.27 -14.50 -15.75
CA TYR B 122 36.90 -13.57 -14.71
C TYR B 122 35.58 -12.90 -15.03
N GLU B 123 34.79 -12.68 -13.99
CA GLU B 123 33.66 -11.79 -14.03
C GLU B 123 34.08 -10.48 -13.38
N LEU B 124 33.46 -9.38 -13.79
CA LEU B 124 33.77 -8.08 -13.22
C LEU B 124 32.45 -7.33 -13.09
N ALA B 125 31.97 -7.19 -11.86
CA ALA B 125 30.70 -6.56 -11.59
C ALA B 125 30.91 -5.16 -11.04
N MET B 126 30.25 -4.19 -11.66
CA MET B 126 30.36 -2.79 -11.27
C MET B 126 28.97 -2.24 -11.04
N ALA B 127 28.91 -1.11 -10.33
CA ALA B 127 27.66 -0.42 -10.07
C ALA B 127 27.92 1.08 -10.08
N SER B 128 26.84 1.83 -10.30
CA SER B 128 26.93 3.28 -10.45
C SER B 128 27.38 3.93 -9.15
N ALA B 129 28.13 5.01 -9.30
CA ALA B 129 28.65 5.72 -8.14
C ALA B 129 28.38 7.22 -8.22
N GLY B 130 27.80 7.70 -9.30
CA GLY B 130 27.58 9.12 -9.44
C GLY B 130 26.61 9.40 -10.55
N ALA B 131 26.64 10.65 -11.02
CA ALA B 131 25.81 11.04 -12.14
C ALA B 131 26.47 10.61 -13.44
N LEU B 132 25.66 10.11 -14.35
CA LEU B 132 26.15 9.56 -15.60
C LEU B 132 26.02 10.59 -16.70
N SER B 133 26.38 10.20 -17.92
CA SER B 133 26.35 11.13 -19.04
C SER B 133 26.01 10.36 -20.31
N PHE B 134 26.05 11.07 -21.43
CA PHE B 134 25.66 10.50 -22.72
C PHE B 134 26.20 11.42 -23.81
N THR B 135 27.04 10.90 -24.68
CA THR B 135 27.71 11.79 -25.63
C THR B 135 26.98 11.93 -26.95
N ALA B 136 25.96 11.09 -27.21
CA ALA B 136 25.21 11.02 -28.47
C ALA B 136 26.11 10.91 -29.70
N ALA C 2 -14.28 29.41 11.79
CA ALA C 2 -14.96 28.44 10.95
C ALA C 2 -15.08 28.94 9.52
N PHE C 3 -14.68 28.10 8.57
CA PHE C 3 -14.61 28.47 7.16
C PHE C 3 -15.56 27.60 6.34
N HIS C 4 -15.62 27.89 5.06
CA HIS C 4 -16.23 27.03 4.06
C HIS C 4 -15.30 26.86 2.86
N GLU C 5 -14.00 26.71 3.14
CA GLU C 5 -12.98 27.12 2.17
C GLU C 5 -12.83 26.09 1.06
N VAL C 6 -12.42 24.86 1.42
CA VAL C 6 -12.26 23.77 0.46
C VAL C 6 -12.43 22.46 1.20
N ARG C 7 -12.60 21.37 0.45
CA ARG C 7 -12.57 20.03 1.03
C ARG C 7 -11.19 19.73 1.63
N PHE C 8 -10.23 19.44 0.76
CA PHE C 8 -8.89 19.01 1.13
C PHE C 8 -8.12 18.79 -0.16
N PRO C 9 -6.80 18.61 -0.12
CA PRO C 9 -6.14 17.89 -1.21
C PRO C 9 -6.80 16.54 -1.44
N ALA C 10 -6.86 16.15 -2.73
CA ALA C 10 -7.63 14.98 -3.10
C ALA C 10 -7.04 13.70 -2.51
N ASN C 11 -5.71 13.59 -2.50
CA ASN C 11 -5.03 12.38 -2.10
C ASN C 11 -5.27 12.05 -0.62
N LEU C 12 -5.62 10.80 -0.35
CA LEU C 12 -5.65 10.24 0.99
C LEU C 12 -5.20 8.78 0.91
N SER C 13 -4.22 8.42 1.73
CA SER C 13 -3.67 7.08 1.65
C SER C 13 -4.62 6.05 2.24
N PHE C 14 -4.34 4.78 1.95
CA PHE C 14 -5.19 3.68 2.40
C PHE C 14 -4.90 3.43 3.88
N GLY C 15 -5.85 3.77 4.74
CA GLY C 15 -5.59 3.74 6.17
C GLY C 15 -6.09 4.98 6.89
N SER C 16 -6.87 5.79 6.18
CA SER C 16 -7.45 6.99 6.77
C SER C 16 -8.62 6.62 7.69
N VAL C 17 -8.32 6.44 8.97
CA VAL C 17 -9.23 5.80 9.91
C VAL C 17 -10.04 6.89 10.62
N GLY C 18 -11.24 6.52 11.08
CA GLY C 18 -12.05 7.42 11.86
C GLY C 18 -13.48 6.97 12.05
N GLY C 19 -13.99 7.04 13.27
CA GLY C 19 -15.35 6.66 13.57
C GLY C 19 -15.90 7.35 14.80
N PRO C 20 -17.22 7.33 14.95
CA PRO C 20 -17.88 8.25 15.88
C PRO C 20 -17.41 8.01 17.31
N GLU C 21 -17.22 9.11 18.06
CA GLU C 21 -16.78 9.04 19.44
C GLU C 21 -17.87 9.53 20.39
N ARG C 22 -18.19 8.68 21.37
CA ARG C 22 -19.30 8.86 22.29
C ARG C 22 -18.75 9.11 23.69
N ARG C 23 -19.23 10.17 24.35
CA ARG C 23 -18.83 10.46 25.72
C ARG C 23 -18.94 9.21 26.59
N THR C 24 -20.13 8.62 26.63
CA THR C 24 -20.44 7.36 27.33
C THR C 24 -19.98 7.36 28.80
N GLU C 25 -20.34 8.41 29.52
CA GLU C 25 -20.05 8.41 30.95
C GLU C 25 -20.63 7.16 31.60
N ILE C 26 -19.84 6.52 32.44
CA ILE C 26 -20.09 5.14 32.86
C ILE C 26 -19.73 4.99 34.32
N VAL C 27 -20.45 4.12 35.02
CA VAL C 27 -20.30 3.99 36.46
C VAL C 27 -19.58 2.71 36.87
N THR C 28 -19.74 1.61 36.12
CA THR C 28 -19.06 0.33 36.39
C THR C 28 -19.21 -0.09 37.85
N LEU C 29 -20.45 -0.45 38.20
CA LEU C 29 -20.70 -1.01 39.52
C LEU C 29 -19.98 -2.33 39.69
N SER C 30 -19.29 -2.48 40.83
CA SER C 30 -18.50 -3.68 41.07
C SER C 30 -19.37 -4.91 41.36
N SER C 31 -20.65 -4.70 41.67
CA SER C 31 -21.58 -5.83 41.78
C SER C 31 -21.67 -6.59 40.48
N GLY C 32 -21.97 -5.89 39.39
CA GLY C 32 -22.48 -6.53 38.19
C GLY C 32 -22.92 -5.53 37.14
N HIS C 33 -24.15 -5.69 36.64
CA HIS C 33 -24.68 -4.77 35.63
C HIS C 33 -24.69 -3.34 36.15
N GLU C 34 -24.62 -2.40 35.21
CA GLU C 34 -24.45 -1.00 35.53
C GLU C 34 -25.24 -0.17 34.51
N GLU C 35 -25.57 1.07 34.90
CA GLU C 35 -26.26 1.97 34.01
C GLU C 35 -25.31 3.00 33.44
N ARG C 36 -25.79 3.71 32.41
CA ARG C 36 -24.98 4.69 31.69
C ARG C 36 -25.90 5.62 30.92
N ASN C 37 -25.37 6.79 30.59
CA ASN C 37 -26.09 7.77 29.78
C ASN C 37 -25.09 8.63 29.05
N SER C 38 -25.54 9.23 27.95
CA SER C 38 -24.70 10.12 27.15
C SER C 38 -25.41 11.45 26.96
N PRO C 39 -24.67 12.56 27.07
CA PRO C 39 -25.29 13.90 26.91
C PRO C 39 -25.19 14.51 25.52
N TRP C 40 -24.77 13.75 24.50
CA TRP C 40 -24.56 14.34 23.18
C TRP C 40 -25.86 14.41 22.40
N ALA C 41 -26.52 13.27 22.23
CA ALA C 41 -27.50 13.03 21.17
C ALA C 41 -26.93 13.24 19.77
N HIS C 42 -25.60 13.23 19.65
CA HIS C 42 -24.93 13.12 18.36
C HIS C 42 -23.68 12.28 18.57
N SER C 43 -22.75 12.33 17.62
CA SER C 43 -21.50 11.60 17.74
C SER C 43 -20.42 12.33 16.95
N ARG C 44 -19.37 12.77 17.63
CA ARG C 44 -18.21 13.32 16.97
C ARG C 44 -17.58 12.25 16.08
N ARG C 45 -17.44 12.55 14.79
CA ARG C 45 -17.03 11.53 13.83
C ARG C 45 -15.56 11.14 13.94
N HIS C 46 -14.69 12.09 14.28
CA HIS C 46 -13.35 11.81 14.81
C HIS C 46 -12.51 11.01 13.80
N TYR C 47 -12.23 11.66 12.67
CA TYR C 47 -11.44 11.06 11.61
C TYR C 47 -9.96 11.28 11.87
N ASP C 48 -9.14 10.27 11.57
CA ASP C 48 -7.72 10.32 11.87
C ASP C 48 -6.92 9.86 10.65
N ALA C 49 -5.59 9.94 10.79
CA ALA C 49 -4.65 9.18 9.96
C ALA C 49 -4.73 9.53 8.48
N GLY C 50 -5.07 10.77 8.14
CA GLY C 50 -4.89 11.23 6.77
C GLY C 50 -3.42 11.30 6.40
N VAL C 51 -3.13 11.03 5.13
CA VAL C 51 -1.78 11.11 4.59
C VAL C 51 -1.80 11.81 3.24
N GLY C 52 -1.06 12.90 3.11
CA GLY C 52 -0.79 13.50 1.82
C GLY C 52 0.41 12.83 1.17
N LEU C 53 0.21 12.34 -0.06
CA LEU C 53 1.30 11.75 -0.85
C LEU C 53 1.17 12.22 -2.30
N ARG C 54 1.95 13.22 -2.67
CA ARG C 54 2.09 13.65 -4.07
C ARG C 54 3.50 14.22 -4.26
N SER C 55 3.67 14.97 -5.34
CA SER C 55 4.91 15.70 -5.59
C SER C 55 5.09 16.83 -4.59
N LEU C 56 6.28 17.44 -4.62
CA LEU C 56 6.56 18.61 -3.81
C LEU C 56 5.81 19.86 -4.27
N ASP C 57 5.22 19.83 -5.46
CA ASP C 57 4.35 20.94 -5.86
C ASP C 57 3.08 20.95 -5.03
N ASP C 58 2.61 19.78 -4.61
CA ASP C 58 1.43 19.67 -3.77
C ASP C 58 1.74 20.00 -2.31
N VAL C 59 3.01 19.96 -1.92
CA VAL C 59 3.37 20.10 -0.51
C VAL C 59 3.21 21.53 -0.04
N GLU C 60 3.61 22.51 -0.87
CA GLU C 60 3.56 23.89 -0.39
C GLU C 60 2.14 24.42 -0.33
N ARG C 61 1.20 23.81 -1.07
CA ARG C 61 -0.21 24.12 -0.87
C ARG C 61 -0.82 23.27 0.23
N LEU C 62 -0.06 22.34 0.81
CA LEU C 62 -0.52 21.50 1.90
C LEU C 62 0.06 21.92 3.25
N ILE C 63 1.31 22.40 3.28
CA ILE C 63 1.87 22.83 4.56
C ILE C 63 1.22 24.13 4.99
N ALA C 64 0.87 25.00 4.05
CA ALA C 64 0.15 26.22 4.37
C ALA C 64 -1.35 26.01 4.44
N PHE C 65 -1.84 24.84 4.03
CA PHE C 65 -3.21 24.45 4.39
C PHE C 65 -3.35 24.35 5.90
N PHE C 66 -2.37 23.73 6.56
CA PHE C 66 -2.29 23.77 8.01
C PHE C 66 -2.15 25.19 8.52
N GLU C 67 -1.40 26.02 7.81
CA GLU C 67 -1.05 27.33 8.34
C GLU C 67 -2.08 28.41 7.99
N ALA C 68 -2.37 28.59 6.70
CA ALA C 68 -3.02 29.84 6.30
C ALA C 68 -4.50 29.88 6.68
N ARG C 69 -5.33 29.01 6.10
CA ARG C 69 -6.72 28.92 6.53
C ARG C 69 -6.88 28.06 7.78
N GLY C 70 -5.88 27.26 8.11
CA GLY C 70 -5.90 26.48 9.34
C GLY C 70 -5.71 27.29 10.59
N GLY C 71 -4.47 27.72 10.83
CA GLY C 71 -4.09 28.08 12.18
C GLY C 71 -4.27 26.89 13.08
N GLN C 72 -5.32 26.92 13.90
CA GLN C 72 -5.81 25.74 14.59
C GLN C 72 -7.33 25.64 14.50
N LEU C 73 -7.98 26.79 14.41
CA LEU C 73 -9.34 26.98 14.88
C LEU C 73 -10.32 27.33 13.76
N HIS C 74 -10.15 26.71 12.59
CA HIS C 74 -11.01 27.00 11.46
C HIS C 74 -11.50 25.69 10.85
N GLY C 75 -12.48 25.82 9.95
CA GLY C 75 -13.28 24.68 9.53
C GLY C 75 -12.60 23.70 8.58
N PHE C 76 -12.34 24.14 7.35
CA PHE C 76 -11.87 23.30 6.25
C PHE C 76 -12.67 21.99 6.21
N ARG C 77 -13.92 22.10 5.77
CA ARG C 77 -14.83 20.99 5.50
C ARG C 77 -14.13 19.75 4.97
N TRP C 78 -14.41 18.59 5.55
CA TRP C 78 -13.60 17.39 5.35
C TRP C 78 -14.36 16.38 4.50
N LYS C 79 -13.66 15.75 3.55
CA LYS C 79 -14.29 14.78 2.67
C LYS C 79 -14.19 13.40 3.28
N ASP C 80 -15.32 12.68 3.31
CA ASP C 80 -15.38 11.32 3.84
C ASP C 80 -15.41 10.35 2.67
N TRP C 81 -14.44 9.44 2.63
CA TRP C 81 -14.54 8.30 1.72
C TRP C 81 -15.40 7.18 2.29
N ALA C 82 -15.79 7.24 3.56
CA ALA C 82 -16.81 6.35 4.10
C ALA C 82 -18.20 6.96 3.94
N GLY C 157 -30.88 19.51 5.38
CA GLY C 157 -30.24 18.29 4.93
C GLY C 157 -29.87 17.36 6.06
N ILE C 158 -30.65 16.28 6.22
CA ILE C 158 -30.58 15.41 7.39
C ILE C 158 -30.53 13.97 6.90
N VAL C 159 -29.53 13.22 7.34
CA VAL C 159 -29.39 11.81 7.00
C VAL C 159 -29.91 10.97 8.17
N SER C 160 -30.77 10.01 7.87
CA SER C 160 -31.24 9.04 8.84
C SER C 160 -30.72 7.65 8.50
N PHE C 161 -30.64 6.79 9.52
CA PHE C 161 -30.12 5.44 9.37
C PHE C 161 -31.22 4.47 9.81
N ASN C 162 -31.77 3.72 8.85
CA ASN C 162 -33.03 3.02 9.02
C ASN C 162 -32.84 1.51 9.10
N GLU C 163 -31.60 1.03 9.14
CA GLU C 163 -31.34 -0.40 9.26
C GLU C 163 -31.72 -1.00 10.62
N PRO C 164 -31.81 -0.21 11.71
CA PRO C 164 -32.63 -0.68 12.83
C PRO C 164 -34.04 -0.12 12.75
N PRO C 165 -34.95 -0.59 13.59
CA PRO C 165 -36.20 0.14 13.83
C PRO C 165 -35.98 1.43 14.62
N PRO C 166 -34.87 1.55 15.38
CA PRO C 166 -34.37 2.89 15.71
C PRO C 166 -33.86 3.67 14.51
N GLN C 167 -33.41 4.90 14.77
CA GLN C 167 -33.06 5.84 13.72
C GLN C 167 -31.75 6.53 14.08
N GLY C 168 -30.99 6.91 13.05
CA GLY C 168 -29.85 7.77 13.23
C GLY C 168 -30.24 9.23 13.36
N ALA C 169 -30.86 9.77 12.31
CA ALA C 169 -31.43 11.12 12.29
C ALA C 169 -30.38 12.17 12.64
N ARG C 170 -29.16 11.97 12.14
CA ARG C 170 -28.04 12.85 12.46
C ARG C 170 -27.94 13.95 11.42
N VAL C 171 -27.78 15.18 11.88
CA VAL C 171 -27.87 16.33 10.98
C VAL C 171 -26.60 16.46 10.16
N THR C 172 -26.70 17.20 9.05
CA THR C 172 -25.55 17.61 8.25
C THR C 172 -25.62 19.13 8.09
N ALA C 173 -24.79 19.85 8.85
CA ALA C 173 -24.72 21.30 8.69
C ALA C 173 -24.16 21.68 7.32
N GLY C 174 -23.15 20.95 6.85
CA GLY C 174 -22.65 21.12 5.51
C GLY C 174 -23.29 20.12 4.56
N PHE C 175 -23.18 20.39 3.27
CA PHE C 175 -23.84 19.54 2.30
C PHE C 175 -23.00 18.31 2.00
N GLU C 176 -23.68 17.15 1.91
CA GLU C 176 -23.18 15.94 1.27
C GLU C 176 -21.86 15.47 1.90
N PHE C 177 -21.98 14.99 3.13
CA PHE C 177 -20.89 14.28 3.82
C PHE C 177 -19.64 15.14 4.02
N ASP C 178 -19.78 16.45 4.24
CA ASP C 178 -18.62 17.31 4.18
C ASP C 178 -18.05 17.68 5.55
N VAL C 179 -18.79 17.41 6.62
CA VAL C 179 -18.29 17.23 7.99
C VAL C 179 -17.15 18.19 8.37
N PRO C 180 -17.44 19.44 8.74
CA PRO C 180 -16.36 20.38 9.04
C PRO C 180 -15.60 19.96 10.28
N VAL C 181 -14.25 20.04 10.23
CA VAL C 181 -13.42 19.45 11.27
C VAL C 181 -12.37 20.43 11.78
N ARG C 182 -11.44 19.92 12.59
CA ARG C 182 -10.15 20.56 12.80
C ARG C 182 -9.11 19.49 13.11
N PHE C 183 -7.86 19.78 12.76
CA PHE C 183 -6.76 18.86 12.99
C PHE C 183 -6.41 18.78 14.49
N ASP C 184 -6.13 17.56 14.95
CA ASP C 184 -5.81 17.29 16.35
C ASP C 184 -4.31 17.28 16.58
N THR C 185 -3.66 18.41 16.28
CA THR C 185 -2.17 18.50 16.27
C THR C 185 -1.73 19.91 16.64
N ASP C 186 -0.72 20.05 17.50
CA ASP C 186 -0.06 21.34 17.68
C ASP C 186 0.89 21.62 16.54
N ARG C 187 1.47 20.58 15.96
CA ARG C 187 2.38 20.72 14.82
C ARG C 187 2.07 19.61 13.83
N ILE C 188 2.53 19.80 12.60
CA ILE C 188 2.54 18.75 11.61
C ILE C 188 3.98 18.35 11.35
N ALA C 189 4.16 17.29 10.56
CA ALA C 189 5.51 16.78 10.32
C ALA C 189 5.56 16.21 8.91
N VAL C 190 5.97 17.04 7.97
CA VAL C 190 6.08 16.62 6.57
C VAL C 190 7.49 16.08 6.36
N SER C 191 7.59 14.97 5.64
CA SER C 191 8.87 14.35 5.35
C SER C 191 9.15 14.40 3.85
N VAL C 192 10.44 14.39 3.52
CA VAL C 192 10.92 14.25 2.11
C VAL C 192 11.48 12.82 1.95
N GLN C 193 10.91 12.04 1.04
CA GLN C 193 11.35 10.61 0.90
C GLN C 193 12.14 10.41 -0.39
N SER C 194 12.03 11.36 -1.31
CA SER C 194 12.87 11.34 -2.54
C SER C 194 12.74 12.71 -3.22
N PHE C 195 13.47 12.88 -4.33
CA PHE C 195 13.62 14.23 -4.93
C PHE C 195 12.27 14.94 -4.97
N GLN C 196 11.18 14.19 -5.21
CA GLN C 196 9.85 14.83 -5.35
C GLN C 196 8.83 14.26 -4.34
N ALA C 197 9.21 13.31 -3.47
CA ALA C 197 8.17 12.69 -2.66
C ALA C 197 7.92 13.50 -1.40
N GLY C 198 6.66 13.88 -1.20
CA GLY C 198 6.22 14.53 0.04
C GLY C 198 5.26 13.69 0.84
N ASP C 199 5.60 13.39 2.09
CA ASP C 199 4.75 12.57 2.96
C ASP C 199 4.55 13.25 4.30
N LEU C 200 3.37 13.02 4.89
CA LEU C 200 3.10 13.35 6.29
C LEU C 200 2.19 12.25 6.84
N PRO C 201 2.52 11.71 8.00
CA PRO C 201 1.88 10.45 8.44
C PRO C 201 0.46 10.53 8.99
N GLN C 202 0.05 11.67 9.55
CA GLN C 202 -1.24 11.69 10.23
C GLN C 202 -1.77 13.11 10.38
N VAL C 203 -3.08 13.26 10.20
CA VAL C 203 -3.75 14.52 10.57
C VAL C 203 -5.11 14.19 11.20
N PRO C 204 -5.12 13.92 12.50
CA PRO C 204 -6.34 13.51 13.20
C PRO C 204 -7.34 14.67 13.38
N VAL C 205 -8.59 14.46 12.95
CA VAL C 205 -9.62 15.47 13.19
C VAL C 205 -10.72 14.93 14.10
N VAL C 206 -11.73 15.77 14.40
CA VAL C 206 -12.79 15.45 15.37
C VAL C 206 -14.12 16.11 15.04
N GLU C 207 -14.17 16.93 13.99
CA GLU C 207 -15.42 17.51 13.45
C GLU C 207 -16.13 18.30 14.54
N VAL C 208 -15.53 19.44 14.87
CA VAL C 208 -16.14 20.37 15.82
C VAL C 208 -17.25 21.15 15.12
N ARG C 209 -18.37 21.31 15.81
CA ARG C 209 -19.58 21.85 15.23
C ARG C 209 -19.47 23.35 14.96
N ALA D 2 -31.82 -0.74 26.17
CA ALA D 2 -31.71 -2.16 25.86
C ALA D 2 -32.67 -2.57 24.74
N PHE D 3 -32.15 -3.26 23.73
CA PHE D 3 -32.90 -3.60 22.54
C PHE D 3 -32.99 -5.13 22.40
N HIS D 4 -33.71 -5.55 21.37
CA HIS D 4 -33.70 -6.92 20.88
C HIS D 4 -33.52 -6.93 19.37
N GLU D 5 -32.63 -6.07 18.85
CA GLU D 5 -32.77 -5.57 17.49
C GLU D 5 -32.30 -6.60 16.46
N VAL D 6 -31.01 -6.95 16.51
CA VAL D 6 -30.44 -7.94 15.59
C VAL D 6 -29.24 -8.59 16.28
N ARG D 7 -28.76 -9.69 15.70
CA ARG D 7 -27.50 -10.28 16.11
C ARG D 7 -26.33 -9.34 15.86
N PHE D 8 -25.92 -9.23 14.60
CA PHE D 8 -24.76 -8.47 14.16
C PHE D 8 -24.66 -8.60 12.66
N PRO D 9 -23.82 -7.82 11.98
CA PRO D 9 -23.32 -8.25 10.68
C PRO D 9 -22.71 -9.64 10.74
N ALA D 10 -22.92 -10.41 9.68
CA ALA D 10 -22.55 -11.83 9.70
C ALA D 10 -21.04 -12.02 9.83
N ASN D 11 -20.26 -11.19 9.14
CA ASN D 11 -18.81 -11.37 9.08
C ASN D 11 -18.16 -11.17 10.44
N LEU D 12 -17.30 -12.12 10.82
CA LEU D 12 -16.41 -11.97 11.96
C LEU D 12 -15.08 -12.63 11.62
N SER D 13 -13.98 -11.90 11.80
CA SER D 13 -12.68 -12.41 11.40
C SER D 13 -12.19 -13.47 12.38
N PHE D 14 -11.17 -14.20 11.96
CA PHE D 14 -10.61 -15.30 12.76
C PHE D 14 -9.74 -14.69 13.85
N GLY D 15 -10.19 -14.76 15.10
CA GLY D 15 -9.53 -14.04 16.16
C GLY D 15 -10.48 -13.31 17.08
N SER D 16 -11.78 -13.56 16.92
CA SER D 16 -12.79 -12.94 17.77
C SER D 16 -12.79 -13.58 19.15
N VAL D 17 -12.01 -13.02 20.07
CA VAL D 17 -11.66 -13.65 21.33
C VAL D 17 -12.66 -13.22 22.40
N GLY D 18 -12.84 -14.06 23.41
CA GLY D 18 -13.68 -13.67 24.53
C GLY D 18 -14.04 -14.82 25.46
N GLY D 19 -13.93 -14.61 26.77
CA GLY D 19 -14.27 -15.62 27.74
C GLY D 19 -14.67 -15.05 29.07
N PRO D 20 -15.30 -15.87 29.92
CA PRO D 20 -15.99 -15.35 31.09
C PRO D 20 -15.04 -14.73 32.10
N GLU D 21 -15.58 -13.84 32.93
CA GLU D 21 -14.79 -13.13 33.93
C GLU D 21 -15.24 -13.50 35.33
N ARG D 22 -14.45 -13.09 36.32
CA ARG D 22 -14.80 -13.09 37.73
C ARG D 22 -14.01 -12.01 38.45
N ARG D 23 -14.58 -11.49 39.54
CA ARG D 23 -13.82 -10.55 40.38
C ARG D 23 -12.94 -11.33 41.35
N THR D 24 -13.57 -12.22 42.12
CA THR D 24 -12.95 -13.20 43.02
C THR D 24 -11.70 -12.68 43.76
N GLU D 25 -11.89 -11.63 44.54
CA GLU D 25 -10.76 -10.98 45.19
C GLU D 25 -10.10 -11.95 46.19
N ILE D 26 -8.83 -11.72 46.46
CA ILE D 26 -7.94 -12.78 46.93
C ILE D 26 -6.86 -12.14 47.83
N VAL D 27 -6.51 -12.83 48.92
CA VAL D 27 -5.65 -12.26 49.93
C VAL D 27 -4.26 -12.87 49.96
N THR D 28 -4.10 -14.13 49.54
CA THR D 28 -2.80 -14.81 49.48
C THR D 28 -2.05 -14.73 50.82
N LEU D 29 -2.58 -15.46 51.80
CA LEU D 29 -1.97 -15.50 53.13
C LEU D 29 -0.50 -15.88 53.04
N SER D 30 0.36 -14.95 53.46
CA SER D 30 1.76 -14.95 53.01
C SER D 30 2.58 -16.11 53.56
N SER D 31 2.17 -16.74 54.66
CA SER D 31 2.96 -17.81 55.25
C SER D 31 2.37 -19.20 55.01
N GLY D 32 1.30 -19.32 54.24
CA GLY D 32 0.77 -20.63 53.91
C GLY D 32 -0.06 -20.61 52.64
N HIS D 33 -1.21 -21.28 52.68
CA HIS D 33 -2.12 -21.28 51.54
C HIS D 33 -2.92 -19.99 51.57
N GLU D 34 -4.06 -19.97 50.89
CA GLU D 34 -4.83 -18.74 50.72
C GLU D 34 -6.28 -19.00 51.11
N GLU D 35 -7.09 -17.95 51.04
CA GLU D 35 -8.54 -18.06 51.07
C GLU D 35 -9.11 -16.94 50.20
N ARG D 36 -10.14 -17.27 49.43
CA ARG D 36 -10.60 -16.33 48.41
C ARG D 36 -12.12 -16.43 48.26
N ASN D 37 -12.72 -15.28 47.97
CA ASN D 37 -14.16 -15.09 47.97
C ASN D 37 -14.64 -14.83 46.55
N SER D 38 -15.87 -15.27 46.26
CA SER D 38 -16.49 -15.00 44.96
C SER D 38 -17.86 -14.39 45.21
N PRO D 39 -18.10 -13.14 44.78
CA PRO D 39 -19.43 -12.52 44.93
C PRO D 39 -20.36 -12.64 43.71
N TRP D 40 -19.99 -13.40 42.69
CA TRP D 40 -20.74 -13.34 41.43
C TRP D 40 -21.88 -14.36 41.36
N ALA D 41 -21.54 -15.65 41.46
CA ALA D 41 -22.38 -16.77 41.06
C ALA D 41 -22.70 -16.77 39.57
N HIS D 42 -22.05 -15.91 38.80
CA HIS D 42 -22.25 -15.81 37.36
C HIS D 42 -20.95 -15.36 36.73
N SER D 43 -20.98 -15.06 35.44
CA SER D 43 -19.77 -14.66 34.74
C SER D 43 -20.13 -13.74 33.57
N ARG D 44 -19.40 -12.63 33.46
CA ARG D 44 -19.48 -11.76 32.28
C ARG D 44 -18.69 -12.41 31.15
N ARG D 45 -19.35 -12.62 30.01
CA ARG D 45 -18.73 -13.41 28.95
C ARG D 45 -17.62 -12.67 28.23
N HIS D 46 -17.74 -11.35 28.08
CA HIS D 46 -16.61 -10.47 27.79
C HIS D 46 -15.94 -10.82 26.46
N TYR D 47 -16.70 -10.65 25.38
CA TYR D 47 -16.21 -10.96 24.05
C TYR D 47 -15.48 -9.74 23.49
N ASP D 48 -14.38 -9.98 22.78
CA ASP D 48 -13.54 -8.90 22.28
C ASP D 48 -13.19 -9.15 20.82
N ALA D 49 -12.48 -8.17 20.23
CA ALA D 49 -11.69 -8.37 19.03
C ALA D 49 -12.52 -8.79 17.82
N GLY D 50 -13.78 -8.35 17.74
CA GLY D 50 -14.51 -8.47 16.49
C GLY D 50 -13.90 -7.61 15.41
N VAL D 51 -13.99 -8.10 14.17
CA VAL D 51 -13.51 -7.36 13.00
C VAL D 51 -14.54 -7.48 11.88
N GLY D 52 -15.02 -6.34 11.39
CA GLY D 52 -15.79 -6.31 10.15
C GLY D 52 -14.86 -6.21 8.97
N LEU D 53 -15.01 -7.15 8.02
CA LEU D 53 -14.26 -7.12 6.77
C LEU D 53 -15.19 -7.48 5.62
N ARG D 54 -15.69 -6.48 4.91
CA ARG D 54 -16.44 -6.67 3.67
C ARG D 54 -16.20 -5.45 2.77
N SER D 55 -17.07 -5.29 1.78
CA SER D 55 -17.08 -4.10 0.93
C SER D 55 -17.51 -2.87 1.73
N LEU D 56 -17.36 -1.71 1.09
CA LEU D 56 -17.85 -0.46 1.67
C LEU D 56 -19.37 -0.36 1.69
N ASP D 57 -20.07 -1.26 0.99
CA ASP D 57 -21.52 -1.31 1.13
C ASP D 57 -21.92 -1.82 2.50
N ASP D 58 -21.11 -2.71 3.07
CA ASP D 58 -21.36 -3.24 4.40
C ASP D 58 -20.95 -2.26 5.50
N VAL D 59 -20.12 -1.27 5.17
CA VAL D 59 -19.56 -0.39 6.18
C VAL D 59 -20.60 0.59 6.70
N GLU D 60 -21.43 1.15 5.81
CA GLU D 60 -22.37 2.16 6.26
C GLU D 60 -23.51 1.57 7.07
N ARG D 61 -23.79 0.27 6.93
CA ARG D 61 -24.70 -0.41 7.83
C ARG D 61 -23.99 -0.90 9.09
N LEU D 62 -22.67 -0.74 9.17
CA LEU D 62 -21.89 -1.13 10.33
C LEU D 62 -21.47 0.06 11.18
N ILE D 63 -21.17 1.20 10.56
CA ILE D 63 -20.79 2.36 11.36
C ILE D 63 -22.00 2.92 12.09
N ALA D 64 -23.18 2.85 11.47
CA ALA D 64 -24.40 3.27 12.13
C ALA D 64 -25.02 2.17 12.98
N PHE D 65 -24.51 0.95 12.89
CA PHE D 65 -24.81 -0.06 13.91
C PHE D 65 -24.31 0.40 15.28
N PHE D 66 -23.09 0.94 15.31
CA PHE D 66 -22.59 1.59 16.52
C PHE D 66 -23.47 2.78 16.89
N GLU D 67 -23.96 3.52 15.89
CA GLU D 67 -24.63 4.79 16.14
C GLU D 67 -26.13 4.62 16.41
N ALA D 68 -26.86 4.02 15.47
CA ALA D 68 -28.31 4.19 15.46
C ALA D 68 -28.99 3.42 16.57
N ARG D 69 -28.92 2.09 16.54
CA ARG D 69 -29.44 1.29 17.64
C ARG D 69 -28.44 1.18 18.79
N GLY D 70 -27.17 1.51 18.56
CA GLY D 70 -26.21 1.53 19.63
C GLY D 70 -26.39 2.70 20.57
N GLY D 71 -26.00 3.89 20.11
CA GLY D 71 -25.71 4.96 21.04
C GLY D 71 -24.58 4.51 21.94
N GLN D 72 -24.92 4.20 23.19
CA GLN D 72 -24.01 3.46 24.06
C GLN D 72 -24.72 2.33 24.80
N LEU D 73 -26.00 2.52 25.07
CA LEU D 73 -26.67 1.89 26.20
C LEU D 73 -27.78 0.93 25.77
N HIS D 74 -27.57 0.20 24.69
CA HIS D 74 -28.58 -0.71 24.19
C HIS D 74 -27.97 -2.08 23.90
N GLY D 75 -28.85 -3.05 23.67
CA GLY D 75 -28.49 -4.45 23.70
C GLY D 75 -27.67 -5.00 22.55
N PHE D 76 -28.31 -5.07 21.38
CA PHE D 76 -27.79 -5.73 20.19
C PHE D 76 -27.19 -7.09 20.55
N ARG D 77 -28.08 -8.04 20.87
CA ARG D 77 -27.80 -9.44 21.12
C ARG D 77 -26.66 -9.99 20.27
N TRP D 78 -25.70 -10.68 20.88
CA TRP D 78 -24.43 -10.99 20.25
C TRP D 78 -24.36 -12.48 19.92
N LYS D 79 -23.85 -12.79 18.73
CA LYS D 79 -23.75 -14.18 18.29
C LYS D 79 -22.42 -14.78 18.72
N ASP D 80 -22.48 -15.97 19.31
CA ASP D 80 -21.28 -16.67 19.75
C ASP D 80 -20.97 -17.79 18.77
N TRP D 81 -19.76 -17.76 18.20
CA TRP D 81 -19.26 -18.90 17.45
C TRP D 81 -18.66 -19.97 18.36
N ALA D 82 -18.49 -19.69 19.65
CA ALA D 82 -18.16 -20.73 20.62
C ALA D 82 -19.44 -21.32 21.22
N GLY D 157 -35.13 -20.74 29.97
CA GLY D 157 -34.05 -21.30 29.17
C GLY D 157 -32.70 -21.23 29.86
N ILE D 158 -32.24 -22.37 30.35
CA ILE D 158 -31.08 -22.45 31.23
C ILE D 158 -30.17 -23.55 30.72
N VAL D 159 -28.89 -23.21 30.50
CA VAL D 159 -27.89 -24.17 30.07
C VAL D 159 -27.07 -24.60 31.29
N SER D 160 -26.90 -25.91 31.44
CA SER D 160 -26.03 -26.46 32.47
C SER D 160 -24.84 -27.17 31.82
N PHE D 161 -23.75 -27.26 32.59
CA PHE D 161 -22.51 -27.87 32.12
C PHE D 161 -22.16 -29.04 33.03
N ASN D 162 -22.25 -30.25 32.49
CA ASN D 162 -22.30 -31.47 33.29
C ASN D 162 -21.02 -32.29 33.18
N GLU D 163 -20.01 -31.77 32.50
CA GLU D 163 -18.74 -32.48 32.39
C GLU D 163 -17.96 -32.58 33.71
N PRO D 164 -18.18 -31.72 34.71
CA PRO D 164 -17.81 -32.11 36.07
C PRO D 164 -19.01 -32.71 36.80
N PRO D 165 -18.79 -33.29 37.98
CA PRO D 165 -19.90 -33.53 38.90
C PRO D 165 -20.47 -32.25 39.49
N PRO D 166 -19.69 -31.15 39.55
CA PRO D 166 -20.33 -29.83 39.62
C PRO D 166 -21.12 -29.44 38.38
N GLN D 167 -21.72 -28.26 38.41
CA GLN D 167 -22.65 -27.83 37.39
C GLN D 167 -22.38 -26.38 37.01
N GLY D 168 -22.67 -26.05 35.76
CA GLY D 168 -22.66 -24.66 35.33
C GLY D 168 -23.94 -23.93 35.73
N ALA D 169 -25.07 -24.42 35.21
CA ALA D 169 -26.40 -23.92 35.57
C ALA D 169 -26.53 -22.42 35.33
N ARG D 170 -25.93 -21.95 34.25
CA ARG D 170 -25.90 -20.52 33.95
C ARG D 170 -27.08 -20.16 33.06
N VAL D 171 -27.78 -19.09 33.41
CA VAL D 171 -29.04 -18.76 32.75
C VAL D 171 -28.77 -18.17 31.37
N THR D 172 -29.80 -18.20 30.53
CA THR D 172 -29.81 -17.50 29.24
C THR D 172 -31.07 -16.63 29.20
N ALA D 173 -30.90 -15.32 29.40
CA ALA D 173 -32.04 -14.42 29.28
C ALA D 173 -32.53 -14.36 27.83
N GLY D 174 -31.61 -14.35 26.87
CA GLY D 174 -31.96 -14.45 25.47
C GLY D 174 -31.86 -15.88 25.02
N PHE D 175 -32.47 -16.18 23.87
CA PHE D 175 -32.52 -17.56 23.40
C PHE D 175 -31.23 -17.92 22.67
N GLU D 176 -30.74 -19.13 22.94
CA GLU D 176 -29.78 -19.85 22.10
C GLU D 176 -28.49 -19.05 21.90
N PHE D 177 -27.73 -18.93 22.99
CA PHE D 177 -26.37 -18.41 22.95
C PHE D 177 -26.29 -16.96 22.44
N ASP D 178 -27.29 -16.13 22.76
CA ASP D 178 -27.37 -14.83 22.11
C ASP D 178 -26.85 -13.68 22.96
N VAL D 179 -26.62 -13.90 24.24
CA VAL D 179 -25.73 -13.12 25.11
C VAL D 179 -25.80 -11.62 24.84
N PRO D 180 -26.79 -10.91 25.36
CA PRO D 180 -26.91 -9.47 25.06
C PRO D 180 -25.74 -8.70 25.66
N VAL D 181 -25.18 -7.78 24.88
CA VAL D 181 -23.92 -7.15 25.27
C VAL D 181 -24.00 -5.63 25.15
N ARG D 182 -22.85 -4.96 25.29
CA ARG D 182 -22.65 -3.60 24.80
C ARG D 182 -21.19 -3.43 24.43
N PHE D 183 -20.94 -2.54 23.47
CA PHE D 183 -19.57 -2.29 23.02
C PHE D 183 -18.77 -1.54 24.09
N ASP D 184 -17.51 -1.95 24.24
CA ASP D 184 -16.59 -1.39 25.24
C ASP D 184 -15.71 -0.32 24.61
N THR D 185 -16.35 0.72 24.06
CA THR D 185 -15.62 1.76 23.26
C THR D 185 -16.28 3.12 23.43
N ASP D 186 -15.49 4.19 23.57
CA ASP D 186 -16.04 5.53 23.39
C ASP D 186 -16.13 5.87 21.91
N ARG D 187 -15.23 5.33 21.09
CA ARG D 187 -15.25 5.54 19.66
C ARG D 187 -14.93 4.23 18.97
N ILE D 188 -15.26 4.17 17.68
CA ILE D 188 -14.81 3.08 16.83
C ILE D 188 -13.82 3.67 15.83
N ALA D 189 -13.20 2.78 15.06
CA ALA D 189 -12.16 3.26 14.14
C ALA D 189 -12.19 2.36 12.89
N VAL D 190 -12.95 2.79 11.89
CA VAL D 190 -13.04 2.04 10.64
C VAL D 190 -11.95 2.53 9.72
N SER D 191 -11.28 1.60 9.05
CA SER D 191 -10.22 1.93 8.12
C SER D 191 -10.61 1.55 6.70
N VAL D 192 -9.98 2.23 5.75
CA VAL D 192 -10.07 1.89 4.29
C VAL D 192 -8.78 1.17 3.90
N GLN D 193 -8.88 -0.06 3.37
CA GLN D 193 -7.66 -0.85 3.05
C GLN D 193 -7.43 -0.87 1.53
N SER D 194 -8.50 -0.69 0.77
CA SER D 194 -8.41 -0.57 -0.71
C SER D 194 -9.70 0.05 -1.22
N PHE D 195 -9.84 0.18 -2.53
CA PHE D 195 -10.93 1.00 -3.12
C PHE D 195 -12.26 0.63 -2.44
N GLN D 196 -12.44 -0.65 -2.10
CA GLN D 196 -13.72 -1.10 -1.48
C GLN D 196 -13.48 -1.86 -0.16
N ALA D 197 -12.25 -1.88 0.37
CA ALA D 197 -12.07 -2.66 1.59
C ALA D 197 -12.36 -1.81 2.84
N GLY D 198 -13.25 -2.30 3.68
CA GLY D 198 -13.53 -1.68 4.96
C GLY D 198 -13.12 -2.55 6.14
N ASP D 199 -12.26 -2.03 7.02
CA ASP D 199 -11.78 -2.77 8.17
C ASP D 199 -11.92 -1.93 9.44
N LEU D 200 -12.17 -2.61 10.57
CA LEU D 200 -12.06 -2.02 11.89
C LEU D 200 -11.51 -3.10 12.83
N PRO D 201 -10.49 -2.78 13.63
CA PRO D 201 -9.72 -3.82 14.30
C PRO D 201 -10.36 -4.47 15.53
N GLN D 202 -11.24 -3.78 16.25
CA GLN D 202 -11.71 -4.33 17.52
C GLN D 202 -13.02 -3.67 17.94
N VAL D 203 -13.93 -4.49 18.48
CA VAL D 203 -15.12 -3.99 19.18
C VAL D 203 -15.39 -4.83 20.41
N PRO D 204 -14.76 -4.51 21.55
CA PRO D 204 -14.94 -5.32 22.76
C PRO D 204 -16.30 -5.15 23.41
N VAL D 205 -16.80 -6.24 24.01
CA VAL D 205 -18.07 -6.25 24.73
C VAL D 205 -17.92 -7.07 26.02
N VAL D 206 -18.90 -6.92 26.92
CA VAL D 206 -18.83 -7.41 28.30
C VAL D 206 -20.15 -8.04 28.76
N GLU D 207 -21.20 -7.91 27.95
CA GLU D 207 -22.51 -8.51 28.21
C GLU D 207 -23.07 -8.00 29.55
N VAL D 208 -23.46 -6.73 29.53
CA VAL D 208 -24.28 -6.17 30.59
C VAL D 208 -25.65 -6.85 30.57
N ARG D 209 -26.16 -7.14 31.76
CA ARG D 209 -27.45 -7.81 31.91
C ARG D 209 -28.59 -7.01 31.28
#